data_5R54
#
_entry.id   5R54
#
_cell.length_a   49.580
_cell.length_b   52.340
_cell.length_c   101.610
_cell.angle_alpha   90.000
_cell.angle_beta   90.000
_cell.angle_gamma   90.000
#
_symmetry.space_group_name_H-M   'P 21 21 21'
#
loop_
_entity.id
_entity.type
_entity.pdbx_description
1 polymer 'Uridine diphosphate glucose pyrophosphatase NUDT22'
2 non-polymer 4-(benzimidazol-1-ylmethyl)benzenecarbonitrile
3 non-polymer 'DIMETHYL SULFOXIDE'
4 water water
#
_entity_poly.entity_id   1
_entity_poly.type   'polypeptide(L)'
_entity_poly.pdbx_seq_one_letter_code
;SMDPEVTLLLQCPGGGLPQEQIQAELSPAHDRRPLPGGDEAITAIWETRLKAQPWLFDAPKFRLHSATLAPIGSRGPQLL
LRLGLTSYRDFLGTNWSSSAAWLRQQGATDWGDTQAYLADPLGVGAALATADDFLVFLRRSRQVAEAPGLVDVPGGHPEP
QALCPGGSPQHQDLAGQLVVHELFSSVLQEICDEVNLPLLTLSQPLLLGIARNETSAGRASAEFYVQCSLTSEQVRKHYL
SGGPEAHESTGIFFVETQNVRRLPETEMWAELCPSAKGAIILYNRVQGSPTGAALGSPALLPPL
;
_entity_poly.pdbx_strand_id   A
#
loop_
_chem_comp.id
_chem_comp.type
_chem_comp.name
_chem_comp.formula
DMS non-polymer 'DIMETHYL SULFOXIDE' 'C2 H6 O S'
RYM non-polymer 4-(benzimidazol-1-ylmethyl)benzenecarbonitrile 'C15 H11 N3'
#
# COMPACT_ATOMS: atom_id res chain seq x y z
N ASP A 3 -10.08 -0.28 -14.86
N ASP A 3 -10.13 0.41 -14.46
CA ASP A 3 -9.39 -1.14 -13.85
CA ASP A 3 -9.62 -0.90 -13.96
C ASP A 3 -10.30 -1.31 -12.63
C ASP A 3 -10.35 -1.25 -12.67
N PRO A 4 -11.30 -2.22 -12.70
CA PRO A 4 -12.23 -2.41 -11.59
C PRO A 4 -11.57 -2.93 -10.31
N GLU A 5 -10.35 -3.47 -10.32
CA GLU A 5 -9.83 -4.06 -9.05
C GLU A 5 -9.12 -3.01 -8.21
N VAL A 6 -8.98 -1.77 -8.69
CA VAL A 6 -8.39 -0.69 -7.84
C VAL A 6 -9.21 0.61 -7.98
N THR A 7 -9.52 1.25 -6.83
CA THR A 7 -10.19 2.57 -6.73
C THR A 7 -9.31 3.52 -5.90
N LEU A 8 -9.19 4.78 -6.30
CA LEU A 8 -8.37 5.77 -5.55
C LEU A 8 -9.21 6.34 -4.42
N LEU A 9 -8.77 6.27 -3.18
CA LEU A 9 -9.49 6.93 -2.06
C LEU A 9 -8.94 8.35 -1.86
N LEU A 10 -7.65 8.57 -2.09
CA LEU A 10 -6.97 9.87 -1.84
C LEU A 10 -5.89 10.07 -2.92
N GLN A 11 -5.84 11.25 -3.54
CA GLN A 11 -4.71 11.75 -4.37
C GLN A 11 -4.09 12.96 -3.64
N CYS A 12 -2.84 12.89 -3.20
CA CYS A 12 -2.20 13.99 -2.41
C CYS A 12 -1.83 15.17 -3.30
N PRO A 13 -1.88 16.41 -2.75
CA PRO A 13 -1.44 17.61 -3.44
C PRO A 13 0.08 17.87 -3.35
N GLY A 14 0.52 18.84 -4.15
CA GLY A 14 1.89 19.39 -4.07
C GLY A 14 2.96 18.39 -4.45
N GLY A 15 2.62 17.37 -5.25
CA GLY A 15 3.56 16.29 -5.63
C GLY A 15 3.76 15.27 -4.52
N GLY A 16 2.93 15.29 -3.48
CA GLY A 16 2.96 14.32 -2.37
C GLY A 16 3.30 14.95 -1.05
N LEU A 17 2.84 14.39 0.06
CA LEU A 17 2.95 15.01 1.42
C LEU A 17 4.08 14.39 2.23
N PRO A 18 4.95 15.22 2.87
CA PRO A 18 5.91 14.72 3.84
C PRO A 18 5.26 14.38 5.19
N GLN A 19 5.98 13.63 6.03
CA GLN A 19 5.52 13.18 7.38
C GLN A 19 4.97 14.37 8.21
N GLU A 20 5.64 15.52 8.16
CA GLU A 20 5.34 16.68 9.06
C GLU A 20 3.99 17.31 8.71
N GLN A 21 3.41 16.99 7.55
CA GLN A 21 2.13 17.61 7.12
C GLN A 21 0.96 16.66 7.37
N ILE A 22 1.17 15.54 8.08
CA ILE A 22 0.09 14.53 8.31
C ILE A 22 -0.19 14.37 9.81
N GLN A 23 -1.48 14.37 10.15
CA GLN A 23 -2.04 14.05 11.49
C GLN A 23 -2.69 12.66 11.44
N ALA A 24 -2.58 11.88 12.53
CA ALA A 24 -3.41 10.66 12.71
C ALA A 24 -4.24 10.80 13.99
N GLU A 25 -5.46 10.29 13.95
CA GLU A 25 -6.38 10.13 15.11
C GLU A 25 -6.62 8.63 15.25
N LEU A 26 -6.02 8.02 16.27
CA LEU A 26 -6.09 6.57 16.53
C LEU A 26 -7.12 6.38 17.65
N SER A 27 -8.27 5.79 17.34
CA SER A 27 -9.46 5.75 18.24
C SER A 27 -10.22 4.43 18.09
N PRO A 28 -10.69 3.82 19.20
CA PRO A 28 -11.59 2.66 19.10
C PRO A 28 -12.88 2.90 18.32
N ALA A 29 -13.32 4.15 18.12
CA ALA A 29 -14.44 4.53 17.22
C ALA A 29 -14.14 4.17 15.74
N HIS A 30 -12.86 3.93 15.40
CA HIS A 30 -12.40 3.62 14.02
C HIS A 30 -12.22 2.10 13.82
N ASP A 31 -12.58 1.30 14.84
CA ASP A 31 -12.42 -0.18 14.77
C ASP A 31 -13.52 -0.78 13.89
N ARG A 32 -13.35 -2.04 13.48
CA ARG A 32 -14.40 -2.88 12.87
C ARG A 32 -15.57 -3.01 13.87
N ARG A 33 -16.80 -3.06 13.37
CA ARG A 33 -17.99 -3.40 14.19
C ARG A 33 -18.07 -4.91 14.38
N PRO A 34 -18.47 -5.39 15.59
CA PRO A 34 -18.71 -6.83 15.78
C PRO A 34 -19.67 -7.38 14.71
N LEU A 35 -19.45 -8.61 14.24
CA LEU A 35 -20.25 -9.25 13.16
C LEU A 35 -21.69 -9.44 13.64
N PRO A 36 -22.71 -9.38 12.76
CA PRO A 36 -24.11 -9.45 13.20
C PRO A 36 -24.44 -10.67 14.08
N GLY A 37 -23.87 -11.84 13.76
CA GLY A 37 -24.09 -13.08 14.52
C GLY A 37 -22.96 -13.34 15.51
N GLY A 38 -22.08 -12.35 15.73
CA GLY A 38 -21.00 -12.41 16.74
C GLY A 38 -19.67 -12.73 16.09
N ASP A 39 -18.55 -12.38 16.74
CA ASP A 39 -17.17 -12.64 16.24
C ASP A 39 -16.76 -14.13 16.40
N GLU A 40 -17.64 -15.01 16.89
CA GLU A 40 -17.40 -16.49 16.91
C GLU A 40 -17.06 -17.03 15.52
N ALA A 41 -17.63 -16.46 14.45
CA ALA A 41 -17.39 -16.87 13.04
C ALA A 41 -15.90 -16.68 12.66
N ILE A 42 -15.27 -15.62 13.15
CA ILE A 42 -13.82 -15.30 12.92
C ILE A 42 -12.97 -16.32 13.68
N THR A 43 -13.32 -16.57 14.95
CA THR A 43 -12.65 -17.54 15.86
C THR A 43 -12.68 -18.94 15.22
N ALA A 44 -13.83 -19.38 14.67
CA ALA A 44 -14.00 -20.68 13.98
C ALA A 44 -13.01 -20.85 12.80
N ILE A 45 -12.93 -19.86 11.90
CA ILE A 45 -12.05 -19.87 10.70
C ILE A 45 -10.58 -19.99 11.18
N TRP A 46 -10.22 -19.26 12.24
CA TRP A 46 -8.84 -19.21 12.79
C TRP A 46 -8.46 -20.61 13.33
N GLU A 47 -9.35 -21.22 14.13
CA GLU A 47 -9.15 -22.57 14.73
C GLU A 47 -8.86 -23.57 13.61
N THR A 48 -9.68 -23.56 12.56
CA THR A 48 -9.57 -24.48 11.40
C THR A 48 -8.20 -24.30 10.77
N ARG A 49 -7.77 -23.03 10.61
CA ARG A 49 -6.49 -22.69 9.94
C ARG A 49 -5.30 -23.18 10.79
N LEU A 50 -5.31 -22.95 12.11
CA LEU A 50 -4.23 -23.38 13.04
C LEU A 50 -4.17 -24.90 13.09
N LYS A 51 -5.31 -25.60 12.96
CA LYS A 51 -5.29 -27.07 13.07
C LYS A 51 -4.69 -27.70 11.81
N ALA A 52 -4.53 -26.96 10.72
CA ALA A 52 -3.80 -27.38 9.49
C ALA A 52 -2.38 -26.79 9.46
N GLN A 53 -2.17 -25.58 9.99
CA GLN A 53 -0.87 -24.87 9.96
C GLN A 53 -0.59 -24.31 11.35
N PRO A 54 -0.22 -25.17 12.33
CA PRO A 54 -0.11 -24.74 13.72
C PRO A 54 1.08 -23.81 14.02
N TRP A 55 1.97 -23.56 13.03
CA TRP A 55 3.10 -22.58 13.15
C TRP A 55 2.67 -21.14 12.80
N LEU A 56 1.44 -20.91 12.31
CA LEU A 56 0.89 -19.53 12.08
C LEU A 56 0.75 -18.75 13.39
N PHE A 57 0.93 -17.44 13.34
CA PHE A 57 0.74 -16.54 14.50
C PHE A 57 -0.04 -15.29 14.06
N ASP A 58 -0.86 -14.78 14.97
CA ASP A 58 -1.60 -13.52 14.82
C ASP A 58 -0.60 -12.36 15.01
N ALA A 59 -0.95 -11.19 14.49
CA ALA A 59 -0.23 -9.92 14.70
C ALA A 59 -1.24 -8.77 14.65
N PRO A 60 -1.05 -7.70 15.45
CA PRO A 60 -1.90 -6.51 15.34
C PRO A 60 -1.53 -5.73 14.07
N LYS A 61 -2.51 -5.00 13.53
CA LYS A 61 -2.42 -4.18 12.32
C LYS A 61 -3.14 -2.84 12.58
N PHE A 62 -2.82 -1.82 11.80
CA PHE A 62 -3.61 -0.56 11.74
C PHE A 62 -4.83 -0.80 10.83
N ARG A 63 -5.99 -0.26 11.20
CA ARG A 63 -7.21 -0.28 10.35
C ARG A 63 -7.42 1.14 9.80
N LEU A 64 -7.59 1.30 8.48
CA LEU A 64 -8.00 2.59 7.89
C LEU A 64 -9.52 2.71 8.03
N HIS A 65 -9.99 3.75 8.73
CA HIS A 65 -11.42 4.14 8.75
C HIS A 65 -11.68 5.13 7.60
N SER A 66 -10.87 6.19 7.49
CA SER A 66 -11.07 7.29 6.53
C SER A 66 -9.89 8.26 6.55
N ALA A 67 -9.78 9.11 5.52
CA ALA A 67 -8.68 10.07 5.36
C ALA A 67 -9.23 11.36 4.77
N THR A 68 -9.15 12.50 5.50
CA THR A 68 -9.69 13.82 5.06
C THR A 68 -8.55 14.77 4.72
N LEU A 69 -8.53 15.24 3.47
CA LEU A 69 -7.59 16.28 2.99
C LEU A 69 -8.13 17.68 3.30
N ALA A 70 -7.24 18.59 3.72
CA ALA A 70 -7.53 20.02 3.98
C ALA A 70 -7.87 20.70 2.65
N PRO A 71 -8.48 21.90 2.66
CA PRO A 71 -8.60 22.73 1.46
C PRO A 71 -7.23 22.93 0.81
N ILE A 72 -7.12 22.71 -0.51
CA ILE A 72 -5.80 22.79 -1.21
C ILE A 72 -5.26 24.21 -1.05
N GLY A 73 -3.94 24.30 -0.86
CA GLY A 73 -3.18 25.56 -0.77
C GLY A 73 -3.17 26.14 0.63
N SER A 74 -3.78 25.48 1.61
CA SER A 74 -3.86 25.96 3.02
C SER A 74 -2.52 25.74 3.73
N ARG A 75 -2.33 26.50 4.81
CA ARG A 75 -1.24 26.35 5.80
C ARG A 75 -1.71 25.36 6.87
N GLY A 76 -0.78 24.76 7.61
CA GLY A 76 -1.09 23.79 8.66
C GLY A 76 -1.14 22.37 8.11
N PRO A 77 -1.43 21.38 8.98
CA PRO A 77 -1.67 19.99 8.55
C PRO A 77 -2.60 19.83 7.34
N GLN A 78 -2.17 19.02 6.37
CA GLN A 78 -2.87 18.90 5.05
C GLN A 78 -3.72 17.61 5.01
N LEU A 79 -3.50 16.65 5.91
CA LEU A 79 -4.25 15.37 5.90
C LEU A 79 -4.50 14.91 7.34
N LEU A 80 -5.70 14.39 7.59
CA LEU A 80 -6.07 13.65 8.83
C LEU A 80 -6.36 12.19 8.46
N LEU A 81 -5.60 11.25 9.02
CA LEU A 81 -5.87 9.79 8.88
C LEU A 81 -6.64 9.36 10.13
N ARG A 82 -7.84 8.81 9.96
CA ARG A 82 -8.60 8.17 11.05
C ARG A 82 -8.32 6.66 11.02
N LEU A 83 -7.72 6.17 12.10
CA LEU A 83 -7.17 4.79 12.20
C LEU A 83 -7.74 4.10 13.44
N GLY A 84 -8.01 2.79 13.34
CA GLY A 84 -8.27 1.93 14.49
C GLY A 84 -7.27 0.82 14.52
N LEU A 85 -7.58 -0.26 15.25
CA LEU A 85 -6.71 -1.46 15.31
C LEU A 85 -7.51 -2.66 14.81
N THR A 86 -6.83 -3.56 14.11
CA THR A 86 -7.34 -4.88 13.64
C THR A 86 -6.20 -5.90 13.81
N SER A 87 -6.25 -6.99 13.07
CA SER A 87 -5.28 -8.11 13.25
C SER A 87 -5.31 -8.96 12.01
N TYR A 88 -4.27 -9.77 11.81
CA TYR A 88 -4.14 -10.79 10.74
C TYR A 88 -5.31 -11.79 10.86
N ARG A 89 -5.64 -12.23 12.08
CA ARG A 89 -6.79 -13.16 12.35
C ARG A 89 -8.12 -12.56 11.84
N ASP A 90 -8.39 -11.30 12.19
CA ASP A 90 -9.64 -10.59 11.79
C ASP A 90 -9.72 -10.50 10.27
N PHE A 91 -8.58 -10.21 9.62
CA PHE A 91 -8.44 -10.15 8.15
C PHE A 91 -8.87 -11.49 7.52
N LEU A 92 -8.33 -12.61 8.05
CA LEU A 92 -8.56 -13.96 7.47
C LEU A 92 -10.05 -14.30 7.63
N GLY A 93 -10.68 -13.81 8.70
CA GLY A 93 -12.10 -14.08 8.97
C GLY A 93 -13.07 -13.15 8.27
N THR A 94 -12.60 -12.07 7.60
CA THR A 94 -13.54 -11.05 7.02
C THR A 94 -13.15 -10.78 5.57
N ASN A 95 -12.16 -9.92 5.31
CA ASN A 95 -11.77 -9.55 3.92
C ASN A 95 -11.45 -10.80 3.08
N TRP A 96 -10.81 -11.81 3.66
CA TRP A 96 -10.32 -13.03 2.94
C TRP A 96 -11.42 -14.10 2.89
N SER A 97 -12.48 -13.96 3.70
CA SER A 97 -13.63 -14.92 3.78
C SER A 97 -14.34 -15.04 2.42
N SER A 98 -14.89 -16.22 2.12
CA SER A 98 -15.68 -16.46 0.89
C SER A 98 -16.92 -15.55 0.89
N SER A 99 -17.42 -15.22 2.08
N SER A 99 -17.44 -15.24 2.07
CA SER A 99 -18.67 -14.44 2.33
CA SER A 99 -18.69 -14.44 2.28
C SER A 99 -18.38 -12.93 2.46
C SER A 99 -18.38 -12.94 2.48
N ALA A 100 -17.20 -12.46 2.04
CA ALA A 100 -16.81 -11.03 2.21
C ALA A 100 -17.82 -10.10 1.51
N ALA A 101 -18.37 -10.49 0.37
CA ALA A 101 -19.36 -9.62 -0.33
C ALA A 101 -20.65 -9.52 0.51
N TRP A 102 -21.06 -10.59 1.21
CA TRP A 102 -22.26 -10.56 2.08
C TRP A 102 -22.02 -9.62 3.27
N LEU A 103 -20.81 -9.59 3.83
CA LEU A 103 -20.44 -8.67 4.96
C LEU A 103 -20.55 -7.21 4.47
N ARG A 104 -20.08 -6.93 3.25
CA ARG A 104 -20.18 -5.57 2.63
C ARG A 104 -21.66 -5.14 2.50
N GLN A 105 -22.55 -6.01 1.99
CA GLN A 105 -24.00 -5.69 1.83
C GLN A 105 -24.63 -5.42 3.21
N GLN A 106 -24.35 -6.26 4.20
N GLN A 106 -24.33 -6.26 4.20
CA GLN A 106 -24.90 -6.12 5.59
CA GLN A 106 -24.87 -6.15 5.58
C GLN A 106 -24.38 -4.81 6.20
C GLN A 106 -24.37 -4.84 6.23
N GLY A 107 -23.13 -4.45 5.92
CA GLY A 107 -22.55 -3.19 6.42
C GLY A 107 -23.28 -1.98 5.83
N ALA A 108 -23.62 -2.01 4.54
CA ALA A 108 -24.44 -0.97 3.88
C ALA A 108 -25.79 -0.86 4.58
N THR A 109 -26.47 -1.99 4.79
CA THR A 109 -27.81 -2.07 5.46
C THR A 109 -27.75 -1.53 6.89
N ASP A 110 -26.85 -2.06 7.73
CA ASP A 110 -26.84 -1.81 9.18
C ASP A 110 -26.23 -0.44 9.50
N TRP A 111 -25.15 -0.02 8.83
CA TRP A 111 -24.32 1.14 9.27
C TRP A 111 -24.18 2.19 8.14
N GLY A 112 -24.83 2.00 6.97
CA GLY A 112 -24.53 2.82 5.77
C GLY A 112 -23.03 2.90 5.47
N ASP A 113 -22.32 1.77 5.60
CA ASP A 113 -20.85 1.69 5.41
C ASP A 113 -20.48 0.26 4.97
N THR A 114 -20.13 0.09 3.69
CA THR A 114 -19.77 -1.23 3.09
C THR A 114 -18.58 -1.84 3.86
N GLN A 115 -17.78 -1.04 4.56
CA GLN A 115 -16.56 -1.56 5.26
C GLN A 115 -16.81 -1.88 6.75
N ALA A 116 -18.00 -1.65 7.33
CA ALA A 116 -18.17 -1.62 8.81
C ALA A 116 -17.80 -2.96 9.44
N TYR A 117 -18.04 -4.08 8.73
CA TYR A 117 -17.80 -5.45 9.23
C TYR A 117 -16.48 -6.04 8.68
N LEU A 118 -15.61 -5.22 8.07
CA LEU A 118 -14.32 -5.73 7.49
C LEU A 118 -13.13 -5.24 8.33
N ALA A 119 -12.13 -6.13 8.51
CA ALA A 119 -10.85 -5.81 9.19
C ALA A 119 -10.18 -4.58 8.54
N ASP A 120 -10.05 -4.58 7.21
CA ASP A 120 -9.44 -3.49 6.40
C ASP A 120 -8.07 -3.10 6.97
N PRO A 121 -7.12 -4.04 7.17
CA PRO A 121 -5.74 -3.67 7.56
C PRO A 121 -5.08 -2.71 6.55
N LEU A 122 -4.39 -1.67 7.04
CA LEU A 122 -3.69 -0.67 6.17
C LEU A 122 -2.36 -1.26 5.67
N GLY A 123 -2.23 -1.40 4.35
CA GLY A 123 -0.96 -1.71 3.66
C GLY A 123 -0.12 -0.47 3.39
N VAL A 124 1.19 -0.66 3.15
CA VAL A 124 2.11 0.39 2.59
C VAL A 124 2.81 -0.17 1.34
N GLY A 125 3.02 0.69 0.33
CA GLY A 125 3.73 0.37 -0.93
C GLY A 125 4.57 1.53 -1.42
N ALA A 126 5.60 1.25 -2.21
CA ALA A 126 6.49 2.32 -2.70
C ALA A 126 6.67 2.24 -4.22
N ALA A 127 6.54 3.39 -4.88
CA ALA A 127 7.19 3.71 -6.18
C ALA A 127 8.63 4.13 -5.82
N LEU A 128 9.57 3.19 -6.00
CA LEU A 128 11.01 3.34 -5.65
C LEU A 128 11.78 3.63 -6.94
N ALA A 129 12.35 4.83 -7.04
CA ALA A 129 13.05 5.31 -8.27
C ALA A 129 14.56 5.21 -8.04
N THR A 130 15.32 4.83 -9.07
CA THR A 130 16.80 4.72 -9.00
C THR A 130 17.45 6.04 -9.44
N ALA A 131 18.75 6.20 -9.20
CA ALA A 131 19.51 7.42 -9.58
C ALA A 131 19.47 7.57 -11.11
N ASP A 132 19.37 6.47 -11.86
CA ASP A 132 19.35 6.48 -13.37
C ASP A 132 17.92 6.46 -13.95
N ASP A 133 16.92 6.79 -13.12
N ASP A 133 16.91 6.71 -13.12
CA ASP A 133 15.50 7.06 -13.47
CA ASP A 133 15.53 7.06 -13.58
C ASP A 133 14.80 5.79 -13.97
C ASP A 133 14.72 5.81 -13.95
N PHE A 134 14.78 4.75 -13.12
CA PHE A 134 13.92 3.54 -13.29
C PHE A 134 13.06 3.39 -12.03
N LEU A 135 11.89 2.74 -12.16
CA LEU A 135 11.14 2.21 -10.99
C LEU A 135 11.45 0.72 -10.79
N VAL A 136 11.41 0.27 -9.52
CA VAL A 136 11.74 -1.12 -9.10
C VAL A 136 10.46 -1.96 -8.98
N PHE A 137 10.50 -3.15 -9.59
CA PHE A 137 9.43 -4.18 -9.54
C PHE A 137 10.01 -5.51 -9.02
N LEU A 138 9.14 -6.32 -8.41
CA LEU A 138 9.48 -7.62 -7.78
C LEU A 138 8.49 -8.68 -8.27
N ARG A 139 8.96 -9.89 -8.54
CA ARG A 139 8.07 -11.00 -9.01
C ARG A 139 7.67 -11.83 -7.78
N ARG A 140 6.38 -12.03 -7.55
CA ARG A 140 5.84 -12.84 -6.42
C ARG A 140 5.99 -14.33 -6.73
N SER A 141 6.40 -15.13 -5.74
CA SER A 141 6.40 -16.63 -5.77
C SER A 141 5.04 -17.14 -6.28
N ARG A 142 5.03 -18.28 -6.98
CA ARG A 142 3.79 -18.92 -7.53
C ARG A 142 3.13 -19.81 -6.47
N GLN A 143 3.71 -19.88 -5.25
CA GLN A 143 3.31 -20.82 -4.17
C GLN A 143 2.53 -20.11 -3.06
N VAL A 144 2.45 -18.77 -3.06
CA VAL A 144 1.77 -18.01 -1.96
C VAL A 144 0.27 -17.90 -2.27
N ALA A 145 -0.51 -17.54 -1.27
CA ALA A 145 -1.98 -17.55 -1.26
C ALA A 145 -2.53 -16.40 -2.10
N GLU A 146 -1.97 -15.21 -1.91
CA GLU A 146 -2.48 -13.96 -2.54
C GLU A 146 -1.67 -13.65 -3.79
N ALA A 147 -2.35 -13.42 -4.91
CA ALA A 147 -1.74 -12.92 -6.15
C ALA A 147 -0.49 -13.73 -6.48
N PRO A 148 -0.54 -15.08 -6.50
CA PRO A 148 0.65 -15.87 -6.83
C PRO A 148 1.19 -15.55 -8.24
N GLY A 149 2.50 -15.44 -8.38
CA GLY A 149 3.15 -15.28 -9.69
C GLY A 149 2.96 -13.92 -10.31
N LEU A 150 2.37 -12.95 -9.59
CA LEU A 150 2.11 -11.60 -10.14
C LEU A 150 3.30 -10.66 -9.84
N VAL A 151 3.35 -9.51 -10.52
CA VAL A 151 4.33 -8.44 -10.26
C VAL A 151 3.85 -7.58 -9.08
N ASP A 152 4.78 -7.19 -8.20
CA ASP A 152 4.52 -6.28 -7.06
C ASP A 152 5.55 -5.14 -7.01
N VAL A 153 5.33 -4.19 -6.10
CA VAL A 153 6.35 -3.18 -5.69
C VAL A 153 6.70 -3.46 -4.24
N PRO A 154 7.79 -2.91 -3.68
CA PRO A 154 8.12 -3.13 -2.28
C PRO A 154 7.00 -2.63 -1.34
N GLY A 155 6.75 -3.37 -0.29
CA GLY A 155 5.81 -2.90 0.75
C GLY A 155 5.47 -4.01 1.72
N GLY A 156 4.42 -3.80 2.49
CA GLY A 156 3.97 -4.77 3.51
C GLY A 156 2.83 -4.21 4.33
N HIS A 157 2.57 -4.78 5.51
CA HIS A 157 1.43 -4.43 6.38
C HIS A 157 1.98 -4.16 7.77
N PRO A 158 2.25 -2.87 8.15
CA PRO A 158 2.94 -2.57 9.40
C PRO A 158 2.14 -2.90 10.66
N GLU A 159 2.88 -3.11 11.74
CA GLU A 159 2.41 -3.58 13.07
C GLU A 159 2.62 -2.49 14.11
N PRO A 160 1.54 -2.07 14.80
CA PRO A 160 1.63 -1.14 15.92
C PRO A 160 2.66 -1.47 17.03
N GLN A 161 3.23 -0.42 17.65
CA GLN A 161 4.37 -0.46 18.61
C GLN A 161 5.44 -1.45 18.13
N ASP A 173 -3.13 14.28 18.28
CA ASP A 173 -1.91 14.01 17.47
C ASP A 173 -0.74 13.61 18.39
N LEU A 174 -1.00 13.25 19.66
CA LEU A 174 0.10 13.03 20.64
C LEU A 174 0.58 11.58 20.60
N ALA A 175 -0.31 10.58 20.64
CA ALA A 175 -0.01 9.22 20.11
C ALA A 175 0.02 9.26 18.56
N GLY A 176 -0.83 10.10 17.94
CA GLY A 176 -0.97 10.31 16.48
C GLY A 176 0.37 10.49 15.76
N GLN A 177 1.25 11.33 16.29
CA GLN A 177 2.51 11.69 15.60
C GLN A 177 3.45 10.48 15.57
N LEU A 178 3.44 9.66 16.63
CA LEU A 178 4.25 8.42 16.68
C LEU A 178 3.69 7.43 15.66
N VAL A 179 2.37 7.41 15.48
CA VAL A 179 1.73 6.50 14.48
C VAL A 179 2.14 6.93 13.07
N VAL A 180 2.06 8.20 12.71
CA VAL A 180 2.52 8.70 11.37
C VAL A 180 4.01 8.30 11.17
N HIS A 181 4.86 8.51 12.17
CA HIS A 181 6.31 8.15 12.13
C HIS A 181 6.51 6.65 11.86
N GLU A 182 5.74 5.76 12.50
N GLU A 182 5.70 5.80 12.50
CA GLU A 182 5.85 4.29 12.27
CA GLU A 182 5.70 4.33 12.36
C GLU A 182 5.39 3.94 10.84
C GLU A 182 5.36 3.94 10.91
N LEU A 183 4.37 4.61 10.31
CA LEU A 183 3.94 4.38 8.89
C LEU A 183 5.08 4.75 7.90
N PHE A 184 5.68 5.93 8.02
CA PHE A 184 6.79 6.39 7.13
C PHE A 184 8.02 5.47 7.29
N SER A 185 8.40 5.21 8.55
N SER A 185 8.40 5.17 8.54
CA SER A 185 9.52 4.32 8.93
CA SER A 185 9.60 4.33 8.83
C SER A 185 9.34 2.94 8.29
C SER A 185 9.38 2.88 8.35
N SER A 186 8.14 2.37 8.35
CA SER A 186 7.86 0.98 7.92
C SER A 186 8.06 0.82 6.41
N VAL A 187 7.78 1.82 5.58
CA VAL A 187 7.97 1.69 4.10
C VAL A 187 9.48 1.59 3.79
N LEU A 188 10.33 2.36 4.49
CA LEU A 188 11.80 2.28 4.34
C LEU A 188 12.30 0.91 4.81
N GLN A 189 11.78 0.44 5.95
CA GLN A 189 12.19 -0.84 6.55
C GLN A 189 11.83 -1.97 5.57
N GLU A 190 10.64 -1.95 4.95
CA GLU A 190 10.23 -2.97 3.95
C GLU A 190 11.20 -2.94 2.75
N ILE A 191 11.64 -1.77 2.32
CA ILE A 191 12.63 -1.66 1.20
C ILE A 191 13.97 -2.28 1.64
N CYS A 192 14.51 -1.90 2.80
CA CYS A 192 15.77 -2.52 3.33
C CYS A 192 15.61 -4.05 3.50
N ASP A 193 14.50 -4.55 4.05
CA ASP A 193 14.32 -6.02 4.27
C ASP A 193 14.22 -6.80 2.93
N GLU A 194 13.44 -6.34 1.96
CA GLU A 194 13.16 -7.13 0.73
C GLU A 194 14.17 -6.81 -0.38
N VAL A 195 14.60 -5.55 -0.54
CA VAL A 195 15.50 -5.15 -1.67
C VAL A 195 16.96 -5.21 -1.19
N ASN A 196 17.19 -5.23 0.11
CA ASN A 196 18.55 -5.40 0.68
C ASN A 196 19.36 -4.12 0.42
N LEU A 197 18.72 -2.96 0.41
CA LEU A 197 19.38 -1.65 0.23
C LEU A 197 19.79 -1.09 1.59
N PRO A 198 20.93 -0.38 1.70
CA PRO A 198 21.25 0.41 2.88
C PRO A 198 20.25 1.56 3.06
N LEU A 199 19.83 1.76 4.30
CA LEU A 199 18.87 2.83 4.72
C LEU A 199 19.38 4.18 4.26
N LEU A 200 20.71 4.41 4.30
CA LEU A 200 21.27 5.74 3.98
C LEU A 200 21.24 6.03 2.48
N THR A 201 20.87 5.08 1.62
CA THR A 201 20.71 5.35 0.17
C THR A 201 19.29 5.82 -0.17
N LEU A 202 18.38 5.89 0.83
CA LEU A 202 16.93 6.17 0.61
C LEU A 202 16.55 7.58 1.11
N SER A 203 15.77 8.33 0.32
CA SER A 203 15.14 9.61 0.70
C SER A 203 14.04 9.39 1.73
N GLN A 204 13.68 10.43 2.47
CA GLN A 204 12.47 10.42 3.31
C GLN A 204 11.28 10.22 2.35
N PRO A 205 10.31 9.33 2.66
CA PRO A 205 9.16 9.13 1.78
C PRO A 205 8.24 10.36 1.67
N LEU A 206 7.55 10.46 0.54
CA LEU A 206 6.40 11.36 0.35
C LEU A 206 5.15 10.49 0.13
N LEU A 207 4.05 10.78 0.81
CA LEU A 207 2.78 10.06 0.56
C LEU A 207 2.15 10.57 -0.76
N LEU A 208 1.91 9.67 -1.70
CA LEU A 208 1.26 9.99 -2.99
C LEU A 208 -0.27 9.94 -2.84
N GLY A 209 -0.80 8.96 -2.09
CA GLY A 209 -2.26 8.75 -1.97
C GLY A 209 -2.58 7.43 -1.32
N ILE A 210 -3.86 7.06 -1.36
CA ILE A 210 -4.37 5.78 -0.82
C ILE A 210 -5.22 5.12 -1.90
N ALA A 211 -4.97 3.83 -2.15
CA ALA A 211 -5.67 3.02 -3.17
C ALA A 211 -6.35 1.86 -2.46
N ARG A 212 -7.52 1.45 -2.95
CA ARG A 212 -8.29 0.30 -2.39
C ARG A 212 -8.23 -0.89 -3.38
N ASN A 213 -8.02 -2.10 -2.86
CA ASN A 213 -8.01 -3.39 -3.61
C ASN A 213 -9.44 -3.97 -3.60
N GLU A 214 -10.21 -3.84 -4.68
CA GLU A 214 -11.58 -4.39 -4.75
C GLU A 214 -11.59 -5.93 -4.89
N THR A 215 -10.47 -6.59 -5.18
CA THR A 215 -10.41 -8.08 -5.21
C THR A 215 -10.22 -8.62 -3.79
N SER A 216 -9.89 -7.75 -2.84
CA SER A 216 -9.76 -8.13 -1.41
C SER A 216 -10.76 -7.32 -0.56
N ALA A 217 -12.00 -7.16 -1.06
CA ALA A 217 -13.17 -6.58 -0.35
C ALA A 217 -12.90 -5.13 0.08
N GLY A 218 -12.03 -4.40 -0.65
CA GLY A 218 -11.86 -2.96 -0.46
C GLY A 218 -10.78 -2.59 0.55
N ARG A 219 -9.88 -3.49 0.96
CA ARG A 219 -8.80 -3.03 1.90
C ARG A 219 -7.80 -2.11 1.17
N ALA A 220 -7.22 -1.17 1.92
CA ALA A 220 -6.54 0.04 1.39
C ALA A 220 -5.04 -0.07 1.67
N SER A 221 -4.26 0.54 0.78
CA SER A 221 -2.79 0.68 0.91
C SER A 221 -2.43 2.15 0.74
N ALA A 222 -1.63 2.67 1.66
CA ALA A 222 -0.92 3.96 1.48
C ALA A 222 0.25 3.76 0.52
N GLU A 223 0.32 4.56 -0.54
CA GLU A 223 1.34 4.45 -1.61
C GLU A 223 2.28 5.67 -1.53
N PHE A 224 3.60 5.43 -1.44
CA PHE A 224 4.65 6.45 -1.18
C PHE A 224 5.61 6.52 -2.38
N TYR A 225 6.31 7.63 -2.49
CA TYR A 225 7.42 7.84 -3.45
C TYR A 225 8.71 7.86 -2.66
N VAL A 226 9.68 7.01 -3.03
CA VAL A 226 11.03 6.99 -2.42
C VAL A 226 12.09 7.01 -3.52
N GLN A 227 13.12 7.84 -3.33
N GLN A 227 13.10 7.87 -3.34
CA GLN A 227 14.25 8.00 -4.30
CA GLN A 227 14.26 8.01 -4.26
C GLN A 227 15.49 7.36 -3.69
C GLN A 227 15.43 7.26 -3.65
N CYS A 228 16.18 6.51 -4.47
CA CYS A 228 17.42 5.83 -4.07
C CYS A 228 18.61 6.50 -4.77
N SER A 229 19.76 6.62 -4.10
CA SER A 229 21.00 7.25 -4.67
C SER A 229 21.81 6.23 -5.49
N LEU A 230 21.41 4.96 -5.47
CA LEU A 230 22.04 3.90 -6.30
C LEU A 230 21.37 3.82 -7.68
N THR A 231 22.14 3.44 -8.70
CA THR A 231 21.65 3.11 -10.06
C THR A 231 20.92 1.77 -10.05
N SER A 232 20.17 1.46 -11.10
CA SER A 232 19.47 0.15 -11.27
C SER A 232 20.46 -1.02 -11.15
N GLU A 233 21.66 -0.89 -11.73
CA GLU A 233 22.67 -1.99 -11.72
C GLU A 233 23.08 -2.26 -10.26
N GLN A 234 23.38 -1.21 -9.50
CA GLN A 234 23.78 -1.33 -8.07
C GLN A 234 22.62 -1.90 -7.23
N VAL A 235 21.37 -1.48 -7.47
CA VAL A 235 20.17 -2.00 -6.72
C VAL A 235 20.06 -3.52 -6.94
N ARG A 236 20.14 -3.96 -8.20
CA ARG A 236 20.13 -5.41 -8.60
C ARG A 236 21.22 -6.17 -7.86
N LYS A 237 22.44 -5.62 -7.81
CA LYS A 237 23.59 -6.28 -7.12
C LYS A 237 23.22 -6.53 -5.65
N HIS A 238 22.72 -5.48 -4.97
CA HIS A 238 22.36 -5.54 -3.53
C HIS A 238 21.27 -6.61 -3.31
N TYR A 239 20.18 -6.57 -4.08
CA TYR A 239 19.07 -7.57 -4.05
C TYR A 239 19.64 -8.99 -4.21
N LEU A 240 20.41 -9.28 -5.27
CA LEU A 240 20.91 -10.66 -5.57
C LEU A 240 21.92 -11.13 -4.51
N SER A 241 22.72 -10.22 -3.97
CA SER A 241 23.85 -10.55 -3.04
C SER A 241 23.30 -11.06 -1.70
N GLY A 242 22.00 -10.91 -1.44
CA GLY A 242 21.36 -11.52 -0.26
C GLY A 242 21.17 -13.03 -0.41
N GLY A 243 21.00 -13.53 -1.64
CA GLY A 243 20.77 -14.96 -1.93
C GLY A 243 19.28 -15.28 -1.84
N PRO A 244 18.83 -16.48 -2.26
CA PRO A 244 17.40 -16.81 -2.26
C PRO A 244 16.64 -16.65 -0.93
N GLU A 245 17.34 -16.67 0.22
CA GLU A 245 16.74 -16.61 1.59
C GLU A 245 16.61 -15.17 2.12
N ALA A 246 17.21 -14.18 1.45
CA ALA A 246 17.16 -12.77 1.89
C ALA A 246 15.91 -12.05 1.36
N HIS A 247 15.11 -12.70 0.50
CA HIS A 247 13.87 -12.08 -0.03
C HIS A 247 12.76 -13.12 -0.23
N GLU A 248 11.49 -12.67 -0.14
CA GLU A 248 10.28 -13.49 -0.38
C GLU A 248 9.99 -13.53 -1.89
N SER A 249 10.32 -12.46 -2.63
CA SER A 249 10.17 -12.41 -4.10
C SER A 249 11.17 -13.37 -4.77
N THR A 250 10.92 -13.71 -6.04
CA THR A 250 11.74 -14.67 -6.85
C THR A 250 12.54 -13.94 -7.94
N GLY A 251 12.32 -12.63 -8.14
CA GLY A 251 13.17 -11.81 -9.04
C GLY A 251 12.91 -10.31 -8.87
N ILE A 252 13.81 -9.48 -9.39
CA ILE A 252 13.71 -7.99 -9.45
C ILE A 252 13.83 -7.58 -10.91
N PHE A 253 13.18 -6.49 -11.31
CA PHE A 253 13.40 -5.86 -12.64
C PHE A 253 13.03 -4.39 -12.57
N PHE A 254 13.33 -3.64 -13.65
CA PHE A 254 13.29 -2.15 -13.67
C PHE A 254 12.62 -1.68 -14.96
N VAL A 255 11.80 -0.61 -14.88
CA VAL A 255 11.17 0.07 -16.05
C VAL A 255 11.54 1.56 -15.98
N GLU A 256 12.04 2.13 -17.07
CA GLU A 256 12.33 3.56 -17.20
C GLU A 256 11.08 4.37 -16.79
N THR A 257 11.24 5.44 -16.00
CA THR A 257 10.11 6.34 -15.64
C THR A 257 9.48 6.85 -16.94
N GLN A 258 10.28 7.02 -17.98
CA GLN A 258 9.74 7.40 -19.32
C GLN A 258 8.58 6.46 -19.70
N ASN A 259 8.77 5.17 -19.53
CA ASN A 259 7.84 4.09 -20.00
C ASN A 259 6.73 3.78 -18.97
N VAL A 260 6.86 4.21 -17.71
CA VAL A 260 5.82 3.99 -16.66
C VAL A 260 4.56 4.78 -17.03
N ARG A 261 4.75 5.93 -17.68
CA ARG A 261 3.64 6.77 -18.19
C ARG A 261 2.58 5.93 -18.93
N ARG A 262 2.95 4.98 -19.80
CA ARG A 262 1.99 4.21 -20.64
C ARG A 262 1.89 2.75 -20.17
N LEU A 263 2.32 2.44 -18.93
CA LEU A 263 2.30 1.02 -18.45
C LEU A 263 0.90 0.40 -18.54
N PRO A 264 -0.20 1.13 -18.27
CA PRO A 264 -1.56 0.55 -18.40
C PRO A 264 -1.94 0.14 -19.82
N GLU A 265 -1.13 0.47 -20.82
CA GLU A 265 -1.39 0.04 -22.23
C GLU A 265 -0.50 -1.16 -22.60
N THR A 266 0.34 -1.68 -21.68
CA THR A 266 1.31 -2.77 -21.91
C THR A 266 0.75 -4.11 -21.45
N GLU A 267 1.38 -5.20 -21.88
CA GLU A 267 1.06 -6.58 -21.45
C GLU A 267 1.50 -6.78 -19.99
N MET A 268 2.40 -5.95 -19.46
CA MET A 268 2.79 -6.01 -18.02
C MET A 268 1.56 -5.72 -17.12
N TRP A 269 0.66 -4.84 -17.54
CA TRP A 269 -0.47 -4.34 -16.69
C TRP A 269 -1.31 -5.53 -16.16
N ALA A 270 -1.62 -6.52 -17.01
CA ALA A 270 -2.39 -7.73 -16.64
C ALA A 270 -1.65 -8.59 -15.60
N GLU A 271 -0.34 -8.40 -15.41
CA GLU A 271 0.46 -9.19 -14.45
C GLU A 271 0.68 -8.45 -13.12
N LEU A 272 0.24 -7.18 -13.01
CA LEU A 272 0.43 -6.38 -11.78
C LEU A 272 -0.68 -6.72 -10.79
N CYS A 273 -0.33 -7.00 -9.55
CA CYS A 273 -1.30 -7.13 -8.44
C CYS A 273 -1.96 -5.76 -8.17
N PRO A 274 -3.21 -5.75 -7.68
CA PRO A 274 -3.95 -4.49 -7.46
C PRO A 274 -3.25 -3.38 -6.66
N SER A 275 -2.53 -3.70 -5.60
CA SER A 275 -1.84 -2.66 -4.79
C SER A 275 -0.66 -2.05 -5.57
N ALA A 276 0.03 -2.84 -6.39
CA ALA A 276 1.10 -2.29 -7.28
C ALA A 276 0.46 -1.42 -8.39
N LYS A 277 -0.70 -1.79 -8.92
CA LYS A 277 -1.44 -0.88 -9.86
C LYS A 277 -1.75 0.46 -9.19
N GLY A 278 -2.19 0.46 -7.93
CA GLY A 278 -2.45 1.68 -7.15
C GLY A 278 -1.23 2.58 -7.10
N ALA A 279 -0.07 2.00 -6.81
CA ALA A 279 1.22 2.71 -6.69
C ALA A 279 1.59 3.38 -8.03
N ILE A 280 1.42 2.68 -9.14
CA ILE A 280 1.82 3.21 -10.48
C ILE A 280 0.80 4.26 -10.92
N ILE A 281 -0.50 4.07 -10.69
CA ILE A 281 -1.51 5.12 -11.03
C ILE A 281 -1.19 6.40 -10.25
N LEU A 282 -0.96 6.31 -8.95
CA LEU A 282 -0.69 7.51 -8.12
C LEU A 282 0.65 8.16 -8.53
N TYR A 283 1.70 7.39 -8.84
CA TYR A 283 3.01 7.93 -9.29
C TYR A 283 2.79 8.77 -10.55
N ASN A 284 2.02 8.24 -11.49
CA ASN A 284 1.73 8.90 -12.79
C ASN A 284 0.93 10.19 -12.55
N ARG A 285 -0.03 10.20 -11.63
CA ARG A 285 -0.90 11.39 -11.42
C ARG A 285 -0.20 12.44 -10.57
N VAL A 286 0.63 12.04 -9.61
CA VAL A 286 1.17 12.95 -8.56
C VAL A 286 2.62 13.35 -8.82
N GLN A 287 3.50 12.42 -9.23
CA GLN A 287 4.91 12.74 -9.57
C GLN A 287 5.03 13.01 -11.09
N GLY A 288 4.41 12.22 -11.95
CA GLY A 288 4.25 12.57 -13.37
C GLY A 288 3.25 13.71 -13.56
N SER A 289 2.67 13.84 -14.76
CA SER A 289 1.61 14.83 -15.15
C SER A 289 2.03 16.25 -14.76
N PRO A 290 3.06 16.81 -15.43
CA PRO A 290 3.53 18.16 -15.10
C PRO A 290 2.49 19.24 -15.41
N THR A 291 2.52 20.33 -14.62
CA THR A 291 1.52 21.43 -14.60
C THR A 291 2.10 22.71 -15.23
N GLY A 292 3.42 22.83 -15.43
CA GLY A 292 4.08 24.09 -15.82
C GLY A 292 4.47 24.12 -17.30
N ALA A 293 4.82 25.31 -17.81
CA ALA A 293 5.09 25.59 -19.25
C ALA A 293 6.31 24.79 -19.72
N ALA A 294 7.40 24.77 -18.92
CA ALA A 294 8.65 24.06 -19.24
C ALA A 294 8.42 22.53 -19.39
N LEU A 295 8.09 21.80 -18.31
CA LEU A 295 7.94 20.31 -18.33
C LEU A 295 6.74 19.88 -19.21
N GLY A 296 5.77 20.80 -19.41
CA GLY A 296 4.56 20.58 -20.23
C GLY A 296 4.78 20.79 -21.72
N SER A 297 5.91 21.34 -22.16
CA SER A 297 6.23 21.61 -23.60
C SER A 297 6.22 20.30 -24.42
N PRO A 298 5.72 20.28 -25.68
CA PRO A 298 5.64 19.04 -26.48
C PRO A 298 6.89 18.12 -26.58
N ALA A 299 8.11 18.67 -26.69
CA ALA A 299 9.36 17.86 -26.78
C ALA A 299 9.59 17.09 -25.46
N LEU A 300 9.25 17.67 -24.30
CA LEU A 300 9.44 17.01 -22.96
C LEU A 300 8.20 16.19 -22.58
N LEU A 301 6.99 16.56 -23.03
CA LEU A 301 5.75 15.78 -22.76
C LEU A 301 5.10 15.39 -24.09
N PRO A 302 5.62 14.34 -24.77
CA PRO A 302 5.12 13.96 -26.10
C PRO A 302 3.63 13.58 -26.07
N PRO A 303 2.77 14.13 -26.96
CA PRO A 303 1.35 13.76 -27.03
C PRO A 303 1.09 12.28 -27.38
N LEU A 304 0.15 11.65 -26.65
CA LEU A 304 -0.52 10.35 -26.94
C LEU A 304 0.08 9.24 -26.05
N1 RYM B . -3.21 -13.64 2.12
N3 RYM B . -3.66 -7.88 8.12
C4 RYM B . -1.35 -13.24 3.37
C5 RYM B . -2.33 -14.18 3.05
C6 RYM B . -2.32 -15.43 3.67
C7 RYM B . -2.77 -12.42 1.89
C8 RYM B . -0.94 -10.86 2.60
C10 RYM B . -0.82 -10.17 5.01
C13 RYM B . -3.22 -8.81 4.81
C15 RYM B . -3.11 -8.23 7.18
C1 RYM B . -1.32 -15.68 4.59
C11 RYM B . -1.34 -9.54 6.13
C12 RYM B . -2.54 -8.85 6.02
C14 RYM B . -2.68 -9.44 3.71
C2 RYM B . -0.33 -14.73 4.88
C3 RYM B . -0.33 -13.49 4.28
C9 RYM B . -1.46 -10.09 3.79
N2 RYM B . -1.64 -12.13 2.57
S DMS C . 8.49 -20.18 -7.61
O DMS C . 9.90 -20.21 -8.14
C1 DMS C . 7.62 -19.09 -8.69
C2 DMS C . 7.73 -21.70 -8.15
S DMS D . 16.73 7.79 5.77
O DMS D . 18.23 7.63 5.83
C1 DMS D . 16.16 6.52 4.70
C2 DMS D . 16.10 7.16 7.32
S DMS E . -30.60 0.71 9.62
O DMS E . -30.83 2.16 9.28
C1 DMS E . -29.54 0.73 11.02
C2 DMS E . -32.06 0.15 10.46
S DMS F . 2.23 -3.75 -2.65
O DMS F . 1.16 -4.66 -2.13
C1 DMS F . 1.61 -2.08 -2.51
C2 DMS F . 3.44 -3.68 -1.36
#